data_8S6G
#
_entry.id   8S6G
#
_cell.length_a   61.893
_cell.length_b   69.541
_cell.length_c   62.700
_cell.angle_alpha   90.000
_cell.angle_beta   93.966
_cell.angle_gamma   90.000
#
_symmetry.space_group_name_H-M   'P 1 21 1'
#
loop_
_entity.id
_entity.type
_entity.pdbx_description
1 polymer 'FAD-binding domain-containing protein'
2 branched 2-acetamido-2-deoxy-beta-D-glucopyranose-(1-4)-2-acetamido-2-deoxy-beta-D-glucopyranose
3 non-polymer 'FLAVIN-ADENINE DINUCLEOTIDE'
4 non-polymer 1,2-ETHANEDIOL
5 non-polymer 2-acetamido-2-deoxy-beta-D-glucopyranose
6 non-polymer '4-(2-HYDROXYETHYL)-1-PIPERAZINE ETHANESULFONIC ACID'
7 non-polymer DI(HYDROXYETHYL)ETHER
8 non-polymer 'SULFATE ION'
9 water water
#
_entity_poly.entity_id   1
_entity_poly.type   'polypeptide(L)'
_entity_poly.pdbx_seq_one_letter_code
;QDDSTRLRDCLSNTSILPSLTTFSDATNWETVTSPWALRFNPEPAAVVVPRNRDEVAAALACAVEAGVKVSPLNGGHSYG
AYGLGGVDGALVINMERFTETTFDSAKNLFTYGGGSRVGPAATWLWENHGRHFPHVRANWVGLSGSSIGGGFGTTSRFLG
TPMDNLDSVDVMLYNGTIVTASRTENPDLFFVIQGAGSSYGIILSLTTRTWKPEFEVATNFTISLGAVDIDTGVQALMDI
QEWAMTEAPDTFALRWQLAGEWNGSGYFYGNPDEFDALFASLVERLPNTTTTTKTTADFWAMENFAAPLLNGTADTFPPR
SMYLQALVLRKDQPFTFESAKALYQYTTLAFNRTDLTEFGFLDLWGGVSRDVDDSKQAMAYSNNQWLIRWEGRLANGLTQ
WPADGIEYMQAGFRPFKEQLKKEGIPLRGFVNYRDTELSLEEWSVRLYGDNFEKMKRIKSQLDPQGVFTTHAQSIPSSAA
AHHHHHH
;
_entity_poly.pdbx_strand_id   A
#
# COMPACT_ATOMS: atom_id res chain seq x y z
N SER A 4 -2.70 -14.44 31.03
CA SER A 4 -1.70 -13.45 30.61
C SER A 4 -0.42 -13.55 31.44
N THR A 5 -0.45 -14.36 32.50
CA THR A 5 0.58 -14.27 33.55
C THR A 5 1.98 -14.63 33.02
N ARG A 6 2.16 -15.85 32.53
CA ARG A 6 3.30 -16.15 31.64
C ARG A 6 3.82 -15.06 30.72
N LEU A 7 3.02 -14.46 29.84
CA LEU A 7 3.59 -13.42 28.97
C LEU A 7 4.03 -12.21 29.79
N ARG A 8 3.21 -11.80 30.77
CA ARG A 8 3.55 -10.64 31.59
C ARG A 8 4.87 -10.87 32.32
N ASP A 9 4.99 -12.03 32.97
CA ASP A 9 6.20 -12.29 33.75
C ASP A 9 7.44 -12.36 32.85
N CYS A 10 7.31 -12.97 31.68
CA CYS A 10 8.47 -13.01 30.79
C CYS A 10 8.88 -11.60 30.37
N LEU A 11 7.91 -10.79 29.97
CA LEU A 11 8.23 -9.43 29.54
C LEU A 11 8.81 -8.63 30.69
N SER A 12 8.31 -8.84 31.91
N SER A 12 8.30 -8.83 31.91
CA SER A 12 8.80 -8.10 33.07
CA SER A 12 8.81 -8.07 33.05
C SER A 12 10.28 -8.37 33.32
C SER A 12 10.22 -8.44 33.43
N ASN A 13 10.78 -9.51 32.86
CA ASN A 13 12.15 -9.90 33.11
C ASN A 13 13.10 -9.45 32.00
N THR A 14 12.55 -8.89 30.93
CA THR A 14 13.35 -8.23 29.91
C THR A 14 13.65 -6.78 30.34
N SER A 15 14.46 -6.12 29.54
CA SER A 15 14.80 -4.72 29.76
C SER A 15 13.76 -3.77 29.20
N ILE A 16 12.72 -4.25 28.52
CA ILE A 16 11.69 -3.36 27.99
C ILE A 16 11.09 -2.57 29.14
N LEU A 17 10.97 -1.26 28.97
N LEU A 17 10.96 -1.26 28.95
CA LEU A 17 10.51 -0.43 30.06
CA LEU A 17 10.46 -0.41 30.02
C LEU A 17 9.08 -0.81 30.46
C LEU A 17 9.07 -0.86 30.45
N PRO A 18 8.78 -0.91 31.76
CA PRO A 18 7.39 -1.17 32.16
C PRO A 18 6.41 -0.19 31.54
N SER A 19 6.81 1.09 31.41
CA SER A 19 5.94 2.08 30.81
C SER A 19 5.70 1.82 29.33
N LEU A 20 6.55 1.00 28.69
CA LEU A 20 6.41 0.64 27.29
C LEU A 20 5.90 -0.78 27.12
N THR A 21 5.37 -1.38 28.17
CA THR A 21 4.79 -2.71 28.16
C THR A 21 3.35 -2.55 28.60
N THR A 22 2.40 -2.84 27.70
CA THR A 22 1.01 -2.59 28.04
C THR A 22 0.16 -3.82 27.84
N PHE A 23 -0.67 -4.08 28.83
CA PHE A 23 -1.73 -5.08 28.81
C PHE A 23 -3.05 -4.34 29.03
N SER A 24 -4.17 -5.06 29.05
CA SER A 24 -5.47 -4.42 29.11
C SER A 24 -5.71 -3.67 30.40
N ASP A 25 -4.93 -3.91 31.45
CA ASP A 25 -5.03 -3.14 32.69
C ASP A 25 -4.28 -1.82 32.65
N ALA A 26 -3.58 -1.53 31.55
CA ALA A 26 -2.84 -0.29 31.42
C ALA A 26 -3.77 0.89 31.22
N THR A 27 -3.36 2.05 31.75
CA THR A 27 -4.18 3.23 31.62
C THR A 27 -4.34 3.65 30.17
N ASN A 28 -3.38 3.32 29.30
CA ASN A 28 -3.40 3.74 27.91
C ASN A 28 -3.78 2.60 26.95
N TRP A 29 -4.37 1.51 27.45
CA TRP A 29 -4.63 0.37 26.59
C TRP A 29 -5.50 0.74 25.40
N GLU A 30 -6.56 1.52 25.63
CA GLU A 30 -7.49 1.83 24.54
C GLU A 30 -6.79 2.65 23.46
N THR A 31 -5.90 3.56 23.85
CA THR A 31 -5.17 4.38 22.89
C THR A 31 -4.18 3.53 22.10
N VAL A 32 -3.39 2.72 22.78
CA VAL A 32 -2.35 1.98 22.07
C VAL A 32 -2.93 0.91 21.15
N THR A 33 -4.14 0.43 21.43
CA THR A 33 -4.77 -0.59 20.60
C THR A 33 -5.77 -0.02 19.61
N SER A 34 -5.89 1.27 19.51
CA SER A 34 -6.94 1.82 18.65
C SER A 34 -6.55 1.66 17.18
N PRO A 35 -7.43 1.14 16.33
CA PRO A 35 -7.07 0.93 14.93
C PRO A 35 -7.42 2.10 14.02
N TRP A 36 -6.59 2.31 13.00
CA TRP A 36 -6.93 3.30 11.98
C TRP A 36 -8.18 2.85 11.24
N ALA A 37 -8.26 1.55 10.90
CA ALA A 37 -9.40 0.98 10.17
C ALA A 37 -10.50 0.66 11.19
N LEU A 38 -11.39 1.64 11.39
CA LEU A 38 -12.37 1.60 12.46
C LEU A 38 -13.39 0.47 12.30
N ARG A 39 -13.50 -0.15 11.13
CA ARG A 39 -14.39 -1.29 10.99
C ARG A 39 -13.92 -2.48 11.82
N PHE A 40 -12.65 -2.50 12.20
CA PHE A 40 -12.05 -3.59 12.96
C PHE A 40 -11.69 -3.13 14.37
N ASN A 41 -11.48 -4.09 15.25
CA ASN A 41 -11.02 -3.82 16.60
C ASN A 41 -10.27 -5.00 17.20
N PRO A 42 -9.16 -5.41 16.59
CA PRO A 42 -8.42 -6.56 17.12
C PRO A 42 -7.86 -6.29 18.50
N GLU A 43 -7.89 -7.33 19.34
CA GLU A 43 -7.54 -7.20 20.75
C GLU A 43 -6.23 -7.94 20.97
N PRO A 44 -5.10 -7.24 21.00
CA PRO A 44 -3.80 -7.90 21.22
C PRO A 44 -3.73 -8.54 22.59
N ALA A 45 -2.80 -9.49 22.72
CA ALA A 45 -2.41 -9.98 24.04
C ALA A 45 -1.72 -8.89 24.83
N ALA A 46 -0.91 -8.08 24.17
CA ALA A 46 -0.11 -7.02 24.79
C ALA A 46 0.48 -6.21 23.65
N VAL A 47 0.94 -5.01 23.99
CA VAL A 47 1.70 -4.16 23.07
C VAL A 47 2.98 -3.72 23.77
N VAL A 48 4.13 -3.91 23.11
CA VAL A 48 5.40 -3.46 23.65
C VAL A 48 6.09 -2.53 22.65
N VAL A 49 6.90 -1.62 23.18
CA VAL A 49 7.69 -0.69 22.40
C VAL A 49 9.16 -0.96 22.70
N PRO A 50 9.83 -1.76 21.88
CA PRO A 50 11.28 -1.97 22.06
C PRO A 50 12.09 -0.74 21.69
N ARG A 51 13.19 -0.55 22.40
CA ARG A 51 14.07 0.59 22.14
C ARG A 51 15.30 0.23 21.31
N ASN A 52 15.57 -1.05 21.09
CA ASN A 52 16.78 -1.49 20.41
C ASN A 52 16.54 -2.91 19.91
N ARG A 53 17.43 -3.38 19.04
CA ARG A 53 17.23 -4.69 18.41
C ARG A 53 17.18 -5.82 19.44
N ASP A 54 17.99 -5.74 20.49
CA ASP A 54 17.97 -6.79 21.49
C ASP A 54 16.60 -6.89 22.16
N GLU A 55 15.94 -5.76 22.38
CA GLU A 55 14.60 -5.79 22.97
C GLU A 55 13.56 -6.37 22.02
N VAL A 56 13.72 -6.15 20.71
CA VAL A 56 12.86 -6.86 19.77
C VAL A 56 13.01 -8.37 19.97
N ALA A 57 14.26 -8.84 20.01
CA ALA A 57 14.50 -10.26 20.20
C ALA A 57 13.96 -10.75 21.52
N ALA A 58 14.08 -9.94 22.58
CA ALA A 58 13.59 -10.37 23.88
C ALA A 58 12.08 -10.52 23.87
N ALA A 59 11.39 -9.58 23.20
CA ALA A 59 9.94 -9.67 23.10
C ALA A 59 9.54 -10.90 22.30
N LEU A 60 10.22 -11.14 21.18
N LEU A 60 10.23 -11.16 21.21
CA LEU A 60 9.93 -12.34 20.38
CA LEU A 60 9.94 -12.32 20.38
C LEU A 60 10.10 -13.59 21.22
C LEU A 60 10.15 -13.61 21.16
N ALA A 61 11.20 -13.69 21.98
CA ALA A 61 11.44 -14.88 22.78
C ALA A 61 10.32 -15.07 23.79
N CYS A 62 9.76 -13.99 24.32
CA CYS A 62 8.65 -14.12 25.26
C CYS A 62 7.41 -14.66 24.55
N ALA A 63 7.15 -14.19 23.33
CA ALA A 63 6.05 -14.74 22.57
C ALA A 63 6.23 -16.23 22.31
N VAL A 64 7.45 -16.65 21.98
CA VAL A 64 7.72 -18.05 21.72
C VAL A 64 7.51 -18.88 22.98
N GLU A 65 7.98 -18.37 24.13
CA GLU A 65 7.80 -19.10 25.38
C GLU A 65 6.35 -19.20 25.78
N ALA A 66 5.54 -18.19 25.47
CA ALA A 66 4.13 -18.16 25.84
C ALA A 66 3.22 -18.79 24.79
N GLY A 67 3.73 -19.07 23.60
CA GLY A 67 2.89 -19.63 22.55
C GLY A 67 1.93 -18.65 21.92
N VAL A 68 2.39 -17.42 21.70
N VAL A 68 2.32 -17.37 21.81
CA VAL A 68 1.60 -16.31 21.21
CA VAL A 68 1.46 -16.40 21.17
C VAL A 68 2.15 -15.88 19.86
C VAL A 68 2.11 -15.95 19.86
N LYS A 69 1.25 -15.45 18.97
CA LYS A 69 1.66 -14.93 17.67
C LYS A 69 2.22 -13.53 17.85
N VAL A 70 2.93 -13.07 16.83
CA VAL A 70 3.63 -11.80 16.86
C VAL A 70 3.27 -10.97 15.64
N SER A 71 2.92 -9.70 15.87
CA SER A 71 2.62 -8.77 14.79
C SER A 71 3.40 -7.47 14.99
N PRO A 72 4.34 -7.12 14.11
CA PRO A 72 4.92 -5.78 14.18
C PRO A 72 3.89 -4.73 13.78
N LEU A 73 3.91 -3.61 14.49
CA LEU A 73 3.05 -2.46 14.22
C LEU A 73 3.92 -1.31 13.77
N ASN A 74 3.63 -0.76 12.59
CA ASN A 74 4.37 0.37 12.02
C ASN A 74 3.44 1.56 11.97
N GLY A 75 2.99 1.97 10.79
CA GLY A 75 2.18 3.16 10.68
C GLY A 75 0.74 3.00 11.08
N GLY A 76 0.26 1.76 11.26
CA GLY A 76 -1.10 1.51 11.65
C GLY A 76 -2.15 1.68 10.56
N HIS A 77 -1.76 2.06 9.35
CA HIS A 77 -2.59 2.14 8.15
C HIS A 77 -3.25 0.96 7.52
N SER A 78 -3.03 -0.25 8.01
CA SER A 78 -3.61 -1.38 7.33
C SER A 78 -5.12 -1.23 7.18
N TYR A 79 -5.62 -1.53 6.00
CA TYR A 79 -7.07 -1.49 5.76
C TYR A 79 -7.78 -2.64 6.43
N GLY A 80 -7.04 -3.58 7.03
CA GLY A 80 -7.60 -4.66 7.82
C GLY A 80 -7.11 -4.68 9.25
N ALA A 81 -6.49 -3.59 9.72
CA ALA A 81 -5.91 -3.53 11.07
C ALA A 81 -4.93 -4.66 11.31
N TYR A 82 -4.18 -5.03 10.26
CA TYR A 82 -3.27 -6.17 10.39
C TYR A 82 -2.09 -5.90 11.33
N GLY A 83 -1.66 -4.65 11.48
CA GLY A 83 -0.56 -4.36 12.38
C GLY A 83 -0.86 -4.68 13.83
N LEU A 84 -2.13 -4.57 14.21
CA LEU A 84 -2.57 -4.97 15.55
C LEU A 84 -2.82 -6.46 15.65
N GLY A 85 -2.53 -7.21 14.58
CA GLY A 85 -2.61 -8.65 14.53
C GLY A 85 -3.70 -9.19 13.65
N GLY A 86 -4.69 -8.37 13.33
CA GLY A 86 -5.84 -8.83 12.56
C GLY A 86 -6.75 -9.71 13.39
N VAL A 87 -6.26 -10.91 13.70
CA VAL A 87 -6.93 -11.77 14.67
CA VAL A 87 -6.92 -11.78 14.68
C VAL A 87 -6.55 -11.31 16.07
N ASP A 88 -7.40 -11.64 17.03
CA ASP A 88 -7.13 -11.28 18.41
C ASP A 88 -5.96 -12.09 18.98
N GLY A 89 -5.26 -11.51 19.94
CA GLY A 89 -4.39 -12.27 20.81
C GLY A 89 -2.91 -12.23 20.49
N ALA A 90 -2.48 -11.43 19.54
CA ALA A 90 -1.06 -11.36 19.21
C ALA A 90 -0.30 -10.48 20.18
N LEU A 91 0.99 -10.75 20.36
CA LEU A 91 1.91 -9.78 20.93
C LEU A 91 2.23 -8.79 19.81
N VAL A 92 1.90 -7.51 20.01
CA VAL A 92 2.14 -6.46 19.04
C VAL A 92 3.44 -5.77 19.44
N ILE A 93 4.39 -5.74 18.52
CA ILE A 93 5.69 -5.10 18.73
C ILE A 93 5.64 -3.80 17.95
N ASN A 94 5.45 -2.71 18.69
CA ASN A 94 5.33 -1.38 18.10
C ASN A 94 6.73 -0.85 17.78
N MET A 95 7.01 -0.66 16.50
CA MET A 95 8.33 -0.33 16.00
C MET A 95 8.62 1.17 16.01
N GLU A 96 7.84 1.95 16.73
CA GLU A 96 7.88 3.40 16.59
C GLU A 96 9.25 4.03 16.86
N ARG A 97 10.09 3.41 17.68
CA ARG A 97 11.40 4.00 17.98
C ARG A 97 12.40 3.81 16.86
N PHE A 98 12.13 2.92 15.90
CA PHE A 98 13.10 2.53 14.87
C PHE A 98 12.97 3.47 13.67
N THR A 99 13.52 4.67 13.83
CA THR A 99 13.41 5.74 12.83
C THR A 99 14.78 6.31 12.46
N GLU A 100 15.84 5.53 12.62
CA GLU A 100 17.14 5.97 12.14
C GLU A 100 17.06 6.34 10.66
N THR A 101 17.86 7.32 10.26
CA THR A 101 17.97 7.76 8.88
C THR A 101 19.44 7.99 8.55
N THR A 102 19.98 7.21 7.60
CA THR A 102 21.35 7.44 7.14
C THR A 102 21.41 7.37 5.63
N PHE A 103 22.40 8.04 5.06
CA PHE A 103 22.58 8.07 3.61
C PHE A 103 24.01 7.72 3.27
N ASP A 104 24.16 6.80 2.34
CA ASP A 104 25.45 6.34 1.82
C ASP A 104 25.62 7.03 0.47
N SER A 105 26.48 8.05 0.44
CA SER A 105 26.63 8.87 -0.75
C SER A 105 27.47 8.19 -1.82
N ALA A 106 28.21 7.14 -1.46
CA ALA A 106 28.95 6.41 -2.48
C ALA A 106 28.01 5.60 -3.36
N LYS A 107 26.97 5.02 -2.77
CA LYS A 107 26.02 4.19 -3.49
C LYS A 107 24.68 4.87 -3.69
N ASN A 108 24.49 6.05 -3.10
CA ASN A 108 23.21 6.76 -3.18
C ASN A 108 22.07 5.93 -2.62
N LEU A 109 22.33 5.24 -1.51
CA LEU A 109 21.35 4.39 -0.84
C LEU A 109 20.93 5.03 0.47
N PHE A 110 19.63 5.06 0.71
CA PHE A 110 19.03 5.61 1.92
C PHE A 110 18.58 4.47 2.82
N THR A 111 19.08 4.43 4.03
CA THR A 111 18.71 3.44 5.03
C THR A 111 17.84 4.06 6.10
N TYR A 112 16.68 3.48 6.33
CA TYR A 112 15.77 3.98 7.35
C TYR A 112 15.32 2.83 8.25
N GLY A 113 14.95 3.18 9.48
CA GLY A 113 14.59 2.15 10.42
C GLY A 113 13.22 1.55 10.12
N GLY A 114 13.01 0.35 10.64
CA GLY A 114 11.81 -0.42 10.37
C GLY A 114 10.53 0.09 10.97
N GLY A 115 10.58 1.19 11.71
CA GLY A 115 9.38 1.84 12.22
C GLY A 115 9.12 3.22 11.64
N SER A 116 9.66 3.51 10.46
CA SER A 116 9.55 4.82 9.87
C SER A 116 8.23 5.00 9.15
N ARG A 117 7.88 6.27 8.98
CA ARG A 117 6.71 6.69 8.24
C ARG A 117 7.15 7.47 7.01
N VAL A 118 6.27 7.48 6.00
CA VAL A 118 6.59 8.06 4.69
C VAL A 118 7.10 9.49 4.82
N GLY A 119 6.34 10.35 5.48
CA GLY A 119 6.61 11.76 5.47
C GLY A 119 7.91 12.11 6.15
N PRO A 120 8.12 11.67 7.40
CA PRO A 120 9.38 12.02 8.08
C PRO A 120 10.60 11.52 7.32
N ALA A 121 10.52 10.33 6.75
CA ALA A 121 11.70 9.80 6.07
C ALA A 121 11.92 10.52 4.74
N ALA A 122 10.86 10.73 3.96
CA ALA A 122 11.00 11.47 2.71
C ALA A 122 11.50 12.89 2.96
N THR A 123 11.02 13.52 4.05
CA THR A 123 11.46 14.87 4.38
C THR A 123 12.93 14.87 4.74
N TRP A 124 13.38 13.87 5.50
CA TRP A 124 14.78 13.82 5.87
C TRP A 124 15.64 13.69 4.63
N LEU A 125 15.25 12.78 3.72
CA LEU A 125 16.09 12.56 2.55
C LEU A 125 16.11 13.79 1.66
N TRP A 126 14.97 14.47 1.53
CA TRP A 126 14.92 15.65 0.68
C TRP A 126 15.75 16.78 1.28
N GLU A 127 15.55 17.07 2.56
CA GLU A 127 16.21 18.21 3.16
C GLU A 127 17.71 18.00 3.28
N ASN A 128 18.13 16.75 3.46
CA ASN A 128 19.56 16.49 3.61
C ASN A 128 20.30 16.19 2.31
N HIS A 129 19.61 15.63 1.30
CA HIS A 129 20.28 15.16 0.11
C HIS A 129 19.58 15.50 -1.20
N GLY A 130 18.42 16.16 -1.16
CA GLY A 130 17.76 16.49 -2.43
C GLY A 130 17.38 15.29 -3.24
N ARG A 131 17.03 14.19 -2.60
N ARG A 131 17.03 14.19 -2.58
CA ARG A 131 16.72 12.96 -3.30
CA ARG A 131 16.72 12.95 -3.26
C ARG A 131 15.38 12.41 -2.83
C ARG A 131 15.37 12.42 -2.84
N HIS A 132 14.88 11.48 -3.64
CA HIS A 132 13.52 10.94 -3.57
C HIS A 132 13.60 9.43 -3.72
N PHE A 133 12.59 8.76 -3.20
CA PHE A 133 12.29 7.38 -3.53
C PHE A 133 10.79 7.25 -3.69
N PRO A 134 10.31 6.37 -4.56
CA PRO A 134 8.85 6.24 -4.71
C PRO A 134 8.21 5.84 -3.40
N HIS A 135 7.04 6.40 -3.13
CA HIS A 135 6.36 6.18 -1.86
C HIS A 135 4.86 6.35 -2.05
N VAL A 136 4.10 5.77 -1.13
CA VAL A 136 2.66 5.92 -1.18
C VAL A 136 2.26 7.38 -0.94
N ARG A 137 1.08 7.71 -1.40
CA ARG A 137 0.62 9.09 -1.53
C ARG A 137 -0.08 9.54 -0.25
N ALA A 138 0.60 9.40 0.88
CA ALA A 138 0.02 9.70 2.18
C ALA A 138 1.14 9.87 3.18
N ASN A 139 1.04 10.92 3.98
CA ASN A 139 2.18 11.34 4.79
C ASN A 139 2.51 10.41 5.95
N TRP A 140 1.56 9.60 6.48
CA TRP A 140 1.87 9.06 7.81
C TRP A 140 1.72 7.53 7.75
N VAL A 141 1.63 6.97 6.55
CA VAL A 141 1.66 5.51 6.35
C VAL A 141 3.04 4.96 6.70
N GLY A 142 3.07 3.77 7.28
CA GLY A 142 4.35 3.13 7.57
C GLY A 142 5.10 2.74 6.32
N LEU A 143 6.43 2.94 6.35
CA LEU A 143 7.25 2.56 5.21
C LEU A 143 7.45 1.04 5.15
N SER A 144 7.59 0.37 6.30
CA SER A 144 7.69 -1.08 6.29
C SER A 144 6.36 -1.68 5.83
N GLY A 145 5.25 -1.25 6.43
CA GLY A 145 4.00 -1.87 6.09
C GLY A 145 3.55 -1.63 4.66
N SER A 146 3.95 -0.49 4.07
CA SER A 146 3.62 -0.22 2.67
C SER A 146 4.61 -0.83 1.69
N SER A 147 5.89 -0.95 2.06
CA SER A 147 6.86 -1.46 1.10
C SER A 147 6.71 -2.96 0.91
N ILE A 148 6.18 -3.67 1.90
CA ILE A 148 6.02 -5.12 1.79
C ILE A 148 4.80 -5.51 0.98
N GLY A 149 4.00 -4.55 0.53
CA GLY A 149 2.85 -4.81 -0.31
C GLY A 149 2.88 -4.07 -1.62
N GLY A 150 4.09 -3.88 -2.15
CA GLY A 150 4.32 -3.21 -3.41
C GLY A 150 4.40 -1.71 -3.28
N GLY A 151 3.24 -1.10 -3.06
CA GLY A 151 3.12 0.33 -3.03
C GLY A 151 3.04 0.93 -4.41
N PHE A 152 2.38 2.06 -4.49
CA PHE A 152 2.27 2.80 -5.72
C PHE A 152 2.25 4.28 -5.38
N GLY A 153 3.08 5.05 -6.08
CA GLY A 153 3.18 6.48 -5.88
C GLY A 153 3.18 7.23 -7.21
N THR A 154 3.22 8.55 -7.09
CA THR A 154 3.15 9.39 -8.27
C THR A 154 4.33 9.21 -9.21
N THR A 155 5.46 8.70 -8.72
CA THR A 155 6.64 8.52 -9.54
C THR A 155 6.84 7.08 -9.97
N SER A 156 5.86 6.21 -9.71
CA SER A 156 6.10 4.79 -9.91
C SER A 156 6.15 4.37 -11.37
N ARG A 157 5.60 5.15 -12.29
CA ARG A 157 5.63 4.73 -13.68
C ARG A 157 7.03 4.84 -14.30
N PHE A 158 7.93 5.61 -13.69
CA PHE A 158 9.30 5.69 -14.16
C PHE A 158 10.34 5.21 -13.15
N LEU A 159 10.02 5.19 -11.85
CA LEU A 159 10.98 4.73 -10.85
C LEU A 159 10.68 3.34 -10.31
N GLY A 160 9.46 2.85 -10.47
CA GLY A 160 9.09 1.59 -9.85
C GLY A 160 8.30 1.77 -8.58
N THR A 161 8.13 0.66 -7.86
CA THR A 161 7.36 0.68 -6.63
C THR A 161 8.29 0.85 -5.43
N PRO A 162 7.75 1.33 -4.30
CA PRO A 162 8.53 1.29 -3.05
C PRO A 162 9.20 -0.06 -2.83
N MET A 163 8.43 -1.13 -2.99
CA MET A 163 8.96 -2.47 -2.86
C MET A 163 10.19 -2.73 -3.71
N ASP A 164 10.06 -2.52 -5.03
CA ASP A 164 11.18 -2.90 -5.90
C ASP A 164 12.31 -1.89 -5.91
N ASN A 165 12.16 -0.75 -5.25
CA ASN A 165 13.27 0.18 -5.00
C ASN A 165 14.05 -0.21 -3.77
N LEU A 166 13.56 -1.19 -2.98
CA LEU A 166 14.39 -1.70 -1.90
C LEU A 166 15.59 -2.44 -2.47
N ASP A 167 16.76 -2.14 -1.92
CA ASP A 167 17.99 -2.84 -2.22
C ASP A 167 18.26 -3.98 -1.25
N SER A 168 18.00 -3.77 0.05
CA SER A 168 18.13 -4.82 1.04
C SER A 168 17.30 -4.44 2.25
N VAL A 169 17.08 -5.41 3.12
CA VAL A 169 16.45 -5.19 4.42
C VAL A 169 17.18 -6.04 5.44
N ASP A 170 17.14 -5.60 6.69
CA ASP A 170 17.60 -6.43 7.81
C ASP A 170 16.37 -6.95 8.54
N VAL A 171 16.32 -8.26 8.79
CA VAL A 171 15.10 -8.91 9.26
C VAL A 171 15.44 -9.79 10.46
N MET A 172 14.61 -9.70 11.50
CA MET A 172 14.69 -10.64 12.61
C MET A 172 13.68 -11.77 12.42
N LEU A 173 14.17 -13.00 12.39
CA LEU A 173 13.33 -14.17 12.26
C LEU A 173 12.79 -14.58 13.62
N TYR A 174 11.94 -15.60 13.63
CA TYR A 174 11.14 -15.90 14.81
C TYR A 174 11.99 -16.26 16.02
N ASN A 175 13.19 -16.76 15.78
CA ASN A 175 14.09 -17.24 16.82
C ASN A 175 15.07 -16.15 17.26
N GLY A 176 14.88 -14.92 16.80
CA GLY A 176 15.77 -13.84 17.15
C GLY A 176 16.99 -13.70 16.26
N THR A 177 17.22 -14.63 15.35
CA THR A 177 18.31 -14.52 14.39
C THR A 177 18.05 -13.35 13.44
N ILE A 178 19.09 -12.56 13.19
CA ILE A 178 19.00 -11.40 12.31
C ILE A 178 19.76 -11.72 11.05
N VAL A 179 19.14 -11.50 9.90
CA VAL A 179 19.77 -11.69 8.61
C VAL A 179 19.51 -10.47 7.74
N THR A 180 20.36 -10.31 6.73
CA THR A 180 20.14 -9.33 5.68
C THR A 180 19.60 -10.06 4.47
N ALA A 181 18.56 -9.51 3.87
CA ALA A 181 17.91 -10.07 2.70
C ALA A 181 17.99 -9.08 1.56
N SER A 182 18.27 -9.60 0.38
CA SER A 182 18.38 -8.85 -0.85
C SER A 182 18.21 -9.86 -2.00
N ARG A 183 18.31 -9.37 -3.23
CA ARG A 183 18.24 -10.28 -4.37
C ARG A 183 19.38 -11.27 -4.37
N THR A 184 20.49 -11.00 -3.68
CA THR A 184 21.65 -11.88 -3.70
C THR A 184 22.02 -12.44 -2.34
N GLU A 185 21.26 -12.18 -1.29
CA GLU A 185 21.55 -12.70 0.03
C GLU A 185 20.22 -13.09 0.66
N ASN A 186 20.11 -14.32 1.15
CA ASN A 186 18.84 -14.84 1.64
C ASN A 186 17.71 -14.51 0.64
N PRO A 187 17.88 -14.91 -0.62
CA PRO A 187 16.90 -14.51 -1.65
C PRO A 187 15.50 -15.03 -1.38
N ASP A 188 15.34 -16.20 -0.74
CA ASP A 188 13.98 -16.66 -0.45
C ASP A 188 13.28 -15.71 0.51
N LEU A 189 13.99 -15.22 1.52
CA LEU A 189 13.41 -14.25 2.43
C LEU A 189 13.10 -12.95 1.70
N PHE A 190 14.00 -12.46 0.86
CA PHE A 190 13.73 -11.24 0.12
C PHE A 190 12.50 -11.42 -0.76
N PHE A 191 12.37 -12.59 -1.37
CA PHE A 191 11.23 -12.90 -2.22
C PHE A 191 9.91 -12.68 -1.50
N VAL A 192 9.81 -13.18 -0.26
CA VAL A 192 8.56 -13.07 0.49
C VAL A 192 8.42 -11.72 1.19
N ILE A 193 9.52 -11.07 1.55
CA ILE A 193 9.42 -9.68 2.03
C ILE A 193 8.72 -8.82 0.99
N GLN A 194 9.05 -9.05 -0.28
CA GLN A 194 8.52 -8.32 -1.42
C GLN A 194 7.14 -8.89 -1.78
N GLY A 195 6.20 -8.70 -0.85
CA GLY A 195 4.82 -9.04 -1.10
C GLY A 195 4.05 -9.56 0.11
N ALA A 196 4.77 -10.14 1.10
CA ALA A 196 4.10 -10.83 2.20
C ALA A 196 4.93 -10.82 3.48
N GLY A 197 5.65 -9.71 3.73
CA GLY A 197 6.67 -9.70 4.76
C GLY A 197 6.16 -10.01 6.17
N SER A 198 4.93 -9.63 6.50
CA SER A 198 4.44 -9.76 7.88
C SER A 198 4.39 -11.22 8.32
N SER A 199 4.38 -12.14 7.38
CA SER A 199 4.25 -13.54 7.68
C SER A 199 5.57 -14.24 7.95
N TYR A 200 6.68 -13.51 7.96
CA TYR A 200 8.01 -14.14 7.98
C TYR A 200 9.02 -13.55 8.95
N GLY A 201 8.88 -12.31 9.39
CA GLY A 201 9.89 -11.74 10.26
C GLY A 201 9.55 -10.29 10.56
N ILE A 202 10.43 -9.70 11.37
CA ILE A 202 10.34 -8.29 11.73
C ILE A 202 11.44 -7.54 11.02
N ILE A 203 11.06 -6.62 10.15
CA ILE A 203 12.02 -5.79 9.42
C ILE A 203 12.53 -4.72 10.37
N LEU A 204 13.85 -4.69 10.58
CA LEU A 204 14.48 -3.76 11.50
C LEU A 204 15.02 -2.52 10.81
N SER A 205 15.44 -2.65 9.56
N SER A 205 15.36 -2.64 9.54
CA SER A 205 15.84 -1.50 8.77
CA SER A 205 16.02 -1.60 8.75
C SER A 205 15.72 -1.87 7.32
C SER A 205 15.74 -1.90 7.29
N LEU A 206 15.59 -0.84 6.50
CA LEU A 206 15.38 -0.98 5.06
C LEU A 206 16.31 -0.03 4.32
N THR A 207 16.85 -0.48 3.20
CA THR A 207 17.75 0.34 2.38
C THR A 207 17.14 0.45 0.99
N THR A 208 16.84 1.69 0.58
CA THR A 208 16.23 1.96 -0.71
C THR A 208 17.16 2.70 -1.66
N ARG A 209 17.05 2.38 -2.94
CA ARG A 209 17.61 3.21 -3.99
C ARG A 209 16.93 4.58 -3.97
N THR A 210 17.64 5.57 -4.53
CA THR A 210 17.15 6.94 -4.50
C THR A 210 17.40 7.59 -5.86
N TRP A 211 16.69 8.68 -6.10
CA TRP A 211 16.70 9.41 -7.37
C TRP A 211 16.83 10.89 -7.07
N LYS A 212 17.77 11.54 -7.75
CA LYS A 212 17.89 12.98 -7.71
C LYS A 212 17.10 13.55 -8.88
N PRO A 213 16.08 14.36 -8.66
CA PRO A 213 15.28 14.83 -9.79
C PRO A 213 16.11 15.58 -10.80
N GLU A 214 15.84 15.30 -12.08
CA GLU A 214 16.57 15.97 -13.14
C GLU A 214 16.17 17.44 -13.28
N PHE A 215 14.93 17.77 -12.98
CA PHE A 215 14.39 19.11 -13.15
C PHE A 215 13.92 19.65 -11.82
N GLU A 216 14.18 20.93 -11.57
CA GLU A 216 13.77 21.49 -10.29
C GLU A 216 12.28 21.71 -10.20
N VAL A 217 11.59 21.88 -11.32
CA VAL A 217 10.17 22.19 -11.34
C VAL A 217 9.41 21.00 -11.91
N ALA A 218 8.29 20.67 -11.27
CA ALA A 218 7.38 19.64 -11.75
C ALA A 218 6.04 20.26 -12.10
N THR A 219 5.22 19.51 -12.83
CA THR A 219 3.93 19.99 -13.33
C THR A 219 2.82 19.12 -12.77
N ASN A 220 1.68 19.75 -12.44
CA ASN A 220 0.44 19.00 -12.21
C ASN A 220 -0.65 19.56 -13.13
N PHE A 221 -1.72 18.79 -13.25
CA PHE A 221 -2.78 19.13 -14.19
C PHE A 221 -4.08 18.51 -13.75
N THR A 222 -5.17 19.05 -14.30
CA THR A 222 -6.49 18.44 -14.19
C THR A 222 -7.15 18.39 -15.56
N ILE A 223 -8.08 17.44 -15.69
CA ILE A 223 -8.92 17.25 -16.86
C ILE A 223 -10.35 17.11 -16.37
N SER A 224 -11.27 17.87 -16.97
CA SER A 224 -12.69 17.81 -16.64
C SER A 224 -13.47 17.64 -17.94
N LEU A 225 -14.23 16.56 -18.06
CA LEU A 225 -14.99 16.36 -19.30
C LEU A 225 -16.26 17.20 -19.36
N GLY A 226 -16.75 17.69 -18.24
CA GLY A 226 -18.05 18.32 -18.21
C GLY A 226 -19.19 17.33 -18.13
N ALA A 227 -20.40 17.81 -18.45
CA ALA A 227 -21.60 16.99 -18.37
C ALA A 227 -21.68 16.13 -19.63
N VAL A 228 -21.26 14.87 -19.52
CA VAL A 228 -21.26 13.94 -20.64
C VAL A 228 -22.01 12.68 -20.22
N ASP A 229 -22.50 11.95 -21.23
CA ASP A 229 -23.19 10.69 -20.99
C ASP A 229 -22.18 9.56 -20.79
N ILE A 230 -22.70 8.39 -20.38
CA ILE A 230 -21.81 7.29 -20.01
C ILE A 230 -20.96 6.86 -21.20
N ASP A 231 -21.57 6.74 -22.38
CA ASP A 231 -20.80 6.27 -23.54
C ASP A 231 -19.68 7.24 -23.87
N THR A 232 -19.94 8.54 -23.71
CA THR A 232 -18.91 9.54 -23.98
C THR A 232 -17.80 9.49 -22.94
N GLY A 233 -18.14 9.32 -21.67
CA GLY A 233 -17.13 9.18 -20.65
C GLY A 233 -16.29 7.93 -20.85
N VAL A 234 -16.94 6.81 -21.18
CA VAL A 234 -16.20 5.57 -21.40
C VAL A 234 -15.28 5.71 -22.59
N GLN A 235 -15.76 6.32 -23.68
CA GLN A 235 -14.89 6.52 -24.84
C GLN A 235 -13.70 7.40 -24.48
N ALA A 236 -13.91 8.42 -23.65
CA ALA A 236 -12.80 9.25 -23.22
C ALA A 236 -11.74 8.42 -22.50
N LEU A 237 -12.16 7.52 -21.60
CA LEU A 237 -11.21 6.65 -20.93
C LEU A 237 -10.47 5.76 -21.92
N MET A 238 -11.18 5.19 -22.89
CA MET A 238 -10.52 4.38 -23.91
C MET A 238 -9.49 5.20 -24.67
N ASP A 239 -9.82 6.46 -24.98
CA ASP A 239 -8.87 7.30 -25.72
C ASP A 239 -7.68 7.68 -24.84
N ILE A 240 -7.92 7.96 -23.54
CA ILE A 240 -6.83 8.20 -22.61
C ILE A 240 -5.95 6.97 -22.51
N GLN A 241 -6.57 5.79 -22.43
CA GLN A 241 -5.80 4.55 -22.35
C GLN A 241 -4.91 4.37 -23.58
N GLU A 242 -5.46 4.63 -24.76
CA GLU A 242 -4.66 4.46 -25.97
C GLU A 242 -3.47 5.41 -25.96
N TRP A 243 -3.69 6.68 -25.61
CA TRP A 243 -2.58 7.61 -25.48
C TRP A 243 -1.58 7.10 -24.46
N ALA A 244 -2.06 6.62 -23.31
CA ALA A 244 -1.16 6.22 -22.23
C ALA A 244 -0.29 5.04 -22.64
N MET A 245 -0.83 4.16 -23.48
CA MET A 245 -0.13 2.95 -23.88
C MET A 245 0.72 3.11 -25.13
N THR A 246 0.57 4.20 -25.87
CA THR A 246 1.33 4.40 -27.09
C THR A 246 2.20 5.64 -27.11
N GLU A 247 1.80 6.71 -26.45
CA GLU A 247 2.49 7.99 -26.54
C GLU A 247 3.05 8.51 -25.23
N ALA A 248 2.39 8.24 -24.12
CA ALA A 248 2.76 8.87 -22.87
C ALA A 248 4.18 8.48 -22.46
N PRO A 249 4.99 9.42 -22.01
CA PRO A 249 6.28 9.03 -21.40
C PRO A 249 6.07 8.45 -20.01
N ASP A 250 7.09 7.76 -19.53
CA ASP A 250 7.00 7.09 -18.24
C ASP A 250 6.94 8.09 -17.08
N THR A 251 7.31 9.34 -17.33
CA THR A 251 7.36 10.37 -16.31
C THR A 251 6.01 11.04 -16.06
N PHE A 252 4.95 10.64 -16.75
CA PHE A 252 3.62 11.05 -16.36
C PHE A 252 3.11 10.23 -15.19
N ALA A 253 2.17 10.81 -14.46
CA ALA A 253 1.25 10.10 -13.58
C ALA A 253 -0.15 10.58 -13.94
N LEU A 254 -1.14 9.69 -13.78
CA LEU A 254 -2.52 10.07 -14.07
C LEU A 254 -3.47 9.25 -13.21
N ARG A 255 -4.43 9.94 -12.61
CA ARG A 255 -5.51 9.36 -11.83
C ARG A 255 -6.82 9.78 -12.49
N TRP A 256 -7.64 8.79 -12.84
CA TRP A 256 -8.92 9.02 -13.51
C TRP A 256 -10.01 8.64 -12.50
N GLN A 257 -10.90 9.57 -12.19
CA GLN A 257 -11.84 9.35 -11.10
C GLN A 257 -12.84 8.26 -11.46
N LEU A 258 -13.16 7.42 -10.48
CA LEU A 258 -14.29 6.49 -10.59
C LEU A 258 -15.48 7.16 -9.92
N ALA A 259 -15.48 7.25 -8.59
CA ALA A 259 -16.32 8.24 -7.93
C ALA A 259 -15.77 9.62 -8.22
N GLY A 260 -16.65 10.60 -8.50
CA GLY A 260 -16.19 11.90 -8.91
C GLY A 260 -15.89 12.05 -10.39
N GLU A 261 -16.45 11.20 -11.22
CA GLU A 261 -16.33 11.29 -12.66
C GLU A 261 -17.12 12.50 -13.18
N TRP A 262 -16.78 13.00 -14.37
CA TRP A 262 -15.74 12.52 -15.26
C TRP A 262 -14.56 13.49 -15.22
N ASN A 263 -13.53 13.14 -14.46
CA ASN A 263 -12.45 14.06 -14.15
C ASN A 263 -11.19 13.24 -13.93
N GLY A 264 -10.05 13.90 -14.11
CA GLY A 264 -8.76 13.28 -13.88
C GLY A 264 -7.77 14.32 -13.42
N SER A 265 -6.62 13.83 -12.98
CA SER A 265 -5.57 14.72 -12.49
C SER A 265 -4.26 13.95 -12.55
N GLY A 266 -3.15 14.68 -12.53
CA GLY A 266 -1.89 13.99 -12.65
C GLY A 266 -0.70 14.91 -12.50
N TYR A 267 0.45 14.34 -12.82
CA TYR A 267 1.74 14.99 -12.65
C TYR A 267 2.59 14.67 -13.84
N PHE A 268 3.62 15.47 -14.04
CA PHE A 268 4.65 15.18 -15.02
C PHE A 268 5.99 15.59 -14.45
N TYR A 269 6.94 14.66 -14.51
CA TYR A 269 8.24 14.80 -13.90
C TYR A 269 9.35 14.87 -14.94
N GLY A 270 9.01 15.04 -16.22
CA GLY A 270 10.00 15.37 -17.23
C GLY A 270 10.23 16.87 -17.29
N ASN A 271 10.90 17.30 -18.35
CA ASN A 271 11.24 18.71 -18.52
C ASN A 271 9.94 19.51 -18.58
N PRO A 272 9.75 20.50 -17.70
CA PRO A 272 8.49 21.25 -17.74
C PRO A 272 8.22 21.93 -19.07
N ASP A 273 9.25 22.23 -19.87
CA ASP A 273 9.04 22.83 -21.17
C ASP A 273 8.57 21.84 -22.22
N GLU A 274 8.50 20.56 -21.91
CA GLU A 274 7.98 19.56 -22.82
C GLU A 274 6.54 19.17 -22.49
N PHE A 275 6.00 19.66 -21.38
CA PHE A 275 4.69 19.22 -20.94
C PHE A 275 3.60 19.63 -21.92
N ASP A 276 3.63 20.88 -22.39
CA ASP A 276 2.50 21.41 -23.14
C ASP A 276 2.22 20.58 -24.39
N ALA A 277 3.26 20.17 -25.11
CA ALA A 277 3.05 19.36 -26.31
C ALA A 277 2.50 17.98 -25.95
N LEU A 278 2.96 17.41 -24.84
CA LEU A 278 2.47 16.11 -24.41
C LEU A 278 1.01 16.20 -23.98
N PHE A 279 0.66 17.24 -23.23
CA PHE A 279 -0.71 17.42 -22.76
C PHE A 279 -1.65 17.69 -23.92
N ALA A 280 -1.17 18.38 -24.96
CA ALA A 280 -1.98 18.58 -26.16
C ALA A 280 -2.37 17.25 -26.81
N SER A 281 -1.44 16.30 -26.88
N SER A 281 -1.43 16.30 -26.88
CA SER A 281 -1.79 15.02 -27.51
CA SER A 281 -1.73 15.00 -27.48
C SER A 281 -2.76 14.21 -26.67
C SER A 281 -2.77 14.24 -26.66
N LEU A 282 -2.69 14.33 -25.34
CA LEU A 282 -3.65 13.64 -24.50
C LEU A 282 -5.07 14.17 -24.69
N VAL A 283 -5.22 15.49 -24.83
CA VAL A 283 -6.58 16.06 -24.86
C VAL A 283 -7.19 16.02 -26.25
N GLU A 284 -6.42 15.63 -27.26
CA GLU A 284 -6.81 15.51 -28.66
C GLU A 284 -8.22 14.99 -28.90
N ARG A 285 -8.47 13.70 -28.59
CA ARG A 285 -9.79 13.10 -28.79
C ARG A 285 -10.84 13.48 -27.73
N LEU A 286 -10.48 14.15 -26.64
CA LEU A 286 -11.47 14.31 -25.58
C LEU A 286 -12.64 15.17 -26.09
N PRO A 287 -13.83 15.02 -25.51
CA PRO A 287 -14.99 15.73 -26.06
C PRO A 287 -14.90 17.24 -25.93
N ASN A 288 -15.68 17.93 -26.78
CA ASN A 288 -15.53 19.38 -26.89
C ASN A 288 -15.94 20.13 -25.62
N THR A 289 -16.52 19.45 -24.64
CA THR A 289 -16.84 20.05 -23.35
C THR A 289 -15.67 20.01 -22.38
N THR A 290 -14.55 19.43 -22.78
CA THR A 290 -13.44 19.23 -21.86
C THR A 290 -12.72 20.53 -21.58
N THR A 291 -12.34 20.72 -20.33
N THR A 291 -12.37 20.72 -20.30
CA THR A 291 -11.45 21.80 -19.98
CA THR A 291 -11.53 21.81 -19.83
C THR A 291 -10.33 21.22 -19.11
C THR A 291 -10.34 21.20 -19.11
N THR A 292 -9.22 21.92 -19.08
CA THR A 292 -8.06 21.48 -18.34
C THR A 292 -7.52 22.63 -17.49
N THR A 293 -6.65 22.26 -16.57
CA THR A 293 -5.81 23.22 -15.85
C THR A 293 -4.42 22.64 -15.74
N LYS A 294 -3.44 23.51 -15.51
CA LYS A 294 -2.04 23.15 -15.35
C LYS A 294 -1.43 24.10 -14.34
N THR A 295 -0.54 23.59 -13.48
CA THR A 295 0.31 24.47 -12.70
C THR A 295 1.72 23.86 -12.65
N THR A 296 2.69 24.65 -12.17
CA THR A 296 4.03 24.17 -11.88
C THR A 296 4.43 24.58 -10.48
N ALA A 297 5.33 23.79 -9.88
CA ALA A 297 5.87 24.09 -8.57
C ALA A 297 7.19 23.35 -8.44
N ASP A 298 8.05 23.83 -7.55
CA ASP A 298 9.31 23.14 -7.32
C ASP A 298 9.05 21.73 -6.79
N PHE A 299 10.00 20.84 -7.05
CA PHE A 299 9.79 19.40 -6.81
C PHE A 299 9.27 19.10 -5.41
N TRP A 300 9.92 19.61 -4.37
CA TRP A 300 9.49 19.28 -3.01
C TRP A 300 8.14 19.93 -2.66
N ALA A 301 7.85 21.14 -3.16
CA ALA A 301 6.51 21.69 -3.00
C ALA A 301 5.48 20.77 -3.64
N MET A 302 5.75 20.30 -4.86
CA MET A 302 4.86 19.34 -5.48
C MET A 302 4.64 18.09 -4.68
N GLU A 303 5.72 17.53 -4.11
CA GLU A 303 5.58 16.36 -3.28
C GLU A 303 4.58 16.61 -2.16
N ASN A 304 4.64 17.80 -1.58
CA ASN A 304 3.75 18.14 -0.47
C ASN A 304 2.35 18.51 -0.94
N PHE A 305 2.16 18.82 -2.21
CA PHE A 305 0.81 18.96 -2.72
C PHE A 305 0.19 17.60 -3.01
N ALA A 306 1.00 16.67 -3.53
CA ALA A 306 0.51 15.31 -3.80
C ALA A 306 0.19 14.57 -2.51
N ALA A 307 0.99 14.78 -1.46
CA ALA A 307 0.82 14.12 -0.16
C ALA A 307 0.93 15.20 0.89
N PRO A 308 -0.17 15.87 1.23
CA PRO A 308 -0.09 16.98 2.18
C PRO A 308 0.57 16.59 3.50
N LEU A 309 1.37 17.52 4.00
CA LEU A 309 2.02 17.40 5.30
C LEU A 309 3.09 16.31 5.32
N LEU A 310 3.74 16.03 4.17
CA LEU A 310 4.88 15.13 4.22
C LEU A 310 5.86 15.57 5.29
N ASN A 311 6.08 16.88 5.39
CA ASN A 311 6.99 17.43 6.37
C ASN A 311 6.29 17.85 7.66
N GLY A 312 5.10 17.35 7.92
CA GLY A 312 4.31 17.72 9.09
C GLY A 312 4.52 16.79 10.26
N THR A 313 3.59 16.87 11.22
CA THR A 313 3.71 16.18 12.49
C THR A 313 2.50 15.31 12.81
N ALA A 314 1.53 15.23 11.90
CA ALA A 314 0.31 14.49 12.17
C ALA A 314 -0.26 13.95 10.87
N ASP A 315 -1.03 12.86 10.99
CA ASP A 315 -1.67 12.22 9.85
C ASP A 315 -2.69 13.17 9.20
N THR A 316 -2.61 13.28 7.87
CA THR A 316 -3.63 13.93 7.05
C THR A 316 -4.95 13.20 7.01
N PHE A 317 -4.94 11.89 7.24
CA PHE A 317 -6.10 11.03 7.04
C PHE A 317 -6.51 10.42 8.36
N PRO A 318 -7.55 10.91 9.01
CA PRO A 318 -7.95 10.32 10.29
C PRO A 318 -8.51 8.93 10.13
N PRO A 319 -8.58 8.17 11.22
CA PRO A 319 -9.17 6.84 11.18
C PRO A 319 -10.54 6.85 10.53
N ARG A 320 -10.83 5.78 9.80
CA ARG A 320 -12.01 5.73 8.95
C ARG A 320 -12.62 4.34 8.96
N SER A 321 -13.95 4.29 9.03
CA SER A 321 -14.70 3.05 8.85
C SER A 321 -15.03 2.94 7.36
N MET A 322 -14.45 1.95 6.70
N MET A 322 -14.49 1.92 6.71
CA MET A 322 -14.57 1.83 5.25
CA MET A 322 -14.56 1.84 5.26
C MET A 322 -14.40 0.37 4.83
C MET A 322 -14.32 0.40 4.81
N TYR A 323 -14.72 0.11 3.58
CA TYR A 323 -14.50 -1.20 2.96
C TYR A 323 -13.98 -0.96 1.55
N LEU A 324 -12.77 -1.44 1.26
N LEU A 324 -12.80 -1.53 1.27
CA LEU A 324 -12.13 -1.25 -0.03
CA LEU A 324 -12.06 -1.34 0.02
C LEU A 324 -12.08 -2.55 -0.84
C LEU A 324 -12.12 -2.60 -0.83
N GLN A 325 -12.24 -2.41 -2.15
CA GLN A 325 -11.99 -3.46 -3.12
C GLN A 325 -11.04 -2.90 -4.16
N ALA A 326 -10.23 -3.76 -4.77
CA ALA A 326 -9.30 -3.26 -5.78
C ALA A 326 -8.83 -4.39 -6.68
N LEU A 327 -8.75 -4.08 -7.97
CA LEU A 327 -8.25 -4.98 -8.99
C LEU A 327 -7.22 -4.24 -9.81
N VAL A 328 -6.40 -5.01 -10.53
CA VAL A 328 -5.47 -4.47 -11.50
C VAL A 328 -5.76 -5.10 -12.87
N LEU A 329 -5.44 -4.34 -13.92
CA LEU A 329 -5.42 -4.86 -15.28
C LEU A 329 -4.00 -4.74 -15.79
N ARG A 330 -3.61 -5.65 -16.69
CA ARG A 330 -2.28 -5.65 -17.28
C ARG A 330 -2.33 -5.14 -18.71
N LYS A 331 -1.12 -4.85 -19.21
CA LYS A 331 -0.93 -4.28 -20.54
C LYS A 331 -1.54 -5.16 -21.63
N ASP A 332 -1.46 -6.48 -21.49
CA ASP A 332 -1.96 -7.36 -22.55
C ASP A 332 -3.47 -7.43 -22.60
N GLN A 333 -4.17 -7.14 -21.52
CA GLN A 333 -5.63 -7.19 -21.46
C GLN A 333 -6.13 -6.00 -20.65
N PRO A 334 -6.07 -4.80 -21.24
CA PRO A 334 -6.53 -3.59 -20.53
C PRO A 334 -8.04 -3.40 -20.64
N PHE A 335 -8.53 -2.19 -20.37
CA PHE A 335 -9.96 -1.95 -20.47
C PHE A 335 -10.39 -2.14 -21.92
N THR A 336 -11.63 -2.62 -22.08
CA THR A 336 -12.40 -2.52 -23.30
C THR A 336 -13.54 -1.55 -23.06
N PHE A 337 -14.19 -1.12 -24.13
CA PHE A 337 -15.39 -0.30 -23.94
C PHE A 337 -16.37 -0.99 -23.01
N GLU A 338 -16.58 -2.29 -23.21
CA GLU A 338 -17.58 -3.03 -22.46
C GLU A 338 -17.20 -3.14 -20.98
N SER A 339 -15.93 -3.42 -20.69
CA SER A 339 -15.55 -3.57 -19.29
C SER A 339 -15.53 -2.24 -18.56
N ALA A 340 -15.04 -1.18 -19.22
CA ALA A 340 -15.11 0.14 -18.61
C ALA A 340 -16.55 0.56 -18.36
N LYS A 341 -17.44 0.28 -19.30
CA LYS A 341 -18.83 0.65 -19.11
C LYS A 341 -19.44 -0.13 -17.95
N ALA A 342 -19.16 -1.43 -17.87
CA ALA A 342 -19.68 -2.22 -16.77
C ALA A 342 -19.23 -1.66 -15.44
N LEU A 343 -17.96 -1.23 -15.37
CA LEU A 343 -17.43 -0.66 -14.14
C LEU A 343 -18.18 0.60 -13.76
N TYR A 344 -18.27 1.56 -14.69
CA TYR A 344 -18.85 2.86 -14.35
C TYR A 344 -20.35 2.75 -14.11
N GLN A 345 -21.04 1.97 -14.94
CA GLN A 345 -22.50 1.88 -14.86
C GLN A 345 -22.94 1.39 -13.49
N TYR A 346 -22.27 0.39 -12.94
CA TYR A 346 -22.79 -0.30 -11.76
C TYR A 346 -22.09 0.09 -10.47
N THR A 347 -20.94 0.77 -10.53
CA THR A 347 -20.34 1.35 -9.33
C THR A 347 -20.87 2.77 -9.15
N THR A 348 -20.15 3.77 -9.68
CA THR A 348 -20.48 5.15 -9.35
C THR A 348 -21.83 5.58 -9.88
N LEU A 349 -22.19 5.19 -11.09
CA LEU A 349 -23.43 5.70 -11.66
C LEU A 349 -24.67 5.12 -10.99
N ALA A 350 -24.55 4.00 -10.27
CA ALA A 350 -25.67 3.41 -9.57
C ALA A 350 -25.61 3.60 -8.06
N PHE A 351 -24.52 4.17 -7.54
CA PHE A 351 -24.37 4.32 -6.10
C PHE A 351 -25.44 5.25 -5.52
N ASN A 352 -26.10 4.80 -4.45
CA ASN A 352 -27.21 5.55 -3.86
C ASN A 352 -27.44 5.08 -2.42
N ARG A 353 -26.77 5.75 -1.48
CA ARG A 353 -26.84 5.41 -0.07
C ARG A 353 -26.86 6.68 0.75
N THR A 354 -27.56 6.62 1.89
CA THR A 354 -27.54 7.71 2.86
C THR A 354 -26.51 7.49 3.96
N ASP A 355 -26.13 6.24 4.20
CA ASP A 355 -25.24 5.86 5.28
C ASP A 355 -23.81 5.60 4.82
N LEU A 356 -23.55 5.64 3.52
CA LEU A 356 -22.23 5.41 2.98
C LEU A 356 -21.95 6.44 1.90
N THR A 357 -20.67 6.76 1.72
CA THR A 357 -20.24 7.57 0.59
C THR A 357 -19.29 6.74 -0.28
N GLU A 358 -19.23 7.10 -1.55
CA GLU A 358 -18.43 6.37 -2.54
C GLU A 358 -17.08 7.06 -2.69
N PHE A 359 -16.08 6.27 -3.05
CA PHE A 359 -14.73 6.75 -3.26
C PHE A 359 -14.06 5.80 -4.22
N GLY A 360 -13.24 6.32 -5.12
CA GLY A 360 -12.49 5.41 -5.97
C GLY A 360 -11.97 6.08 -7.21
N PHE A 361 -11.02 5.40 -7.84
CA PHE A 361 -10.30 5.95 -8.98
C PHE A 361 -9.56 4.83 -9.69
N LEU A 362 -9.05 5.17 -10.87
CA LEU A 362 -8.21 4.32 -11.70
C LEU A 362 -6.86 5.03 -11.76
N ASP A 363 -5.83 4.41 -11.21
CA ASP A 363 -4.49 4.94 -11.31
C ASP A 363 -3.80 4.32 -12.52
N LEU A 364 -3.32 5.15 -13.42
CA LEU A 364 -2.56 4.67 -14.56
C LEU A 364 -1.25 4.07 -14.08
N TRP A 365 -0.98 2.85 -14.51
CA TRP A 365 0.27 2.16 -14.25
C TRP A 365 1.03 2.05 -15.58
N GLY A 366 1.47 0.87 -15.99
CA GLY A 366 2.31 0.79 -17.17
C GLY A 366 3.71 1.30 -16.87
N GLY A 367 4.31 1.97 -17.86
CA GLY A 367 5.68 2.44 -17.67
C GLY A 367 6.58 1.28 -17.35
N VAL A 368 7.39 1.45 -16.32
CA VAL A 368 8.42 0.47 -16.01
C VAL A 368 7.90 -0.81 -15.38
N SER A 369 6.57 -0.95 -15.23
CA SER A 369 6.07 -2.29 -14.92
C SER A 369 6.43 -3.29 -16.03
N ARG A 370 6.82 -2.79 -17.20
CA ARG A 370 7.28 -3.66 -18.27
C ARG A 370 8.57 -4.41 -17.92
N ASP A 371 9.30 -3.97 -16.91
CA ASP A 371 10.56 -4.60 -16.52
C ASP A 371 10.39 -5.66 -15.43
N VAL A 372 9.19 -5.78 -14.88
CA VAL A 372 8.91 -6.67 -13.76
C VAL A 372 8.75 -8.09 -14.26
N ASP A 373 9.30 -9.04 -13.51
CA ASP A 373 9.06 -10.46 -13.75
C ASP A 373 8.39 -11.04 -12.50
N ASP A 374 7.25 -11.70 -12.68
CA ASP A 374 6.56 -12.27 -11.52
C ASP A 374 7.38 -13.33 -10.79
N SER A 375 8.33 -13.98 -11.45
CA SER A 375 9.09 -15.02 -10.80
C SER A 375 10.14 -14.47 -9.84
N LYS A 376 10.34 -13.16 -9.79
CA LYS A 376 11.43 -12.58 -9.02
C LYS A 376 11.03 -12.14 -7.61
N GLN A 377 9.74 -12.12 -7.28
CA GLN A 377 9.28 -11.73 -5.94
C GLN A 377 7.87 -12.28 -5.74
N ALA A 378 7.45 -12.36 -4.48
CA ALA A 378 6.16 -12.98 -4.19
C ALA A 378 5.03 -12.24 -4.90
N MET A 379 5.00 -10.93 -4.76
CA MET A 379 3.91 -10.15 -5.36
C MET A 379 3.89 -10.29 -6.87
N ALA A 380 2.71 -10.56 -7.43
CA ALA A 380 2.54 -10.63 -8.87
C ALA A 380 2.05 -9.27 -9.37
N TYR A 381 2.84 -8.63 -10.24
CA TYR A 381 2.49 -7.31 -10.74
C TYR A 381 3.12 -6.98 -12.08
N SER A 382 3.68 -7.98 -12.75
CA SER A 382 4.33 -7.74 -14.03
C SER A 382 3.37 -7.12 -15.03
N ASN A 383 3.80 -6.03 -15.67
CA ASN A 383 3.05 -5.38 -16.73
C ASN A 383 1.71 -4.87 -16.25
N ASN A 384 1.57 -4.55 -14.95
CA ASN A 384 0.35 -3.88 -14.53
C ASN A 384 0.17 -2.61 -15.34
N GLN A 385 -1.09 -2.34 -15.71
CA GLN A 385 -1.45 -1.21 -16.55
C GLN A 385 -2.41 -0.25 -15.86
N TRP A 386 -3.29 -0.73 -14.99
CA TRP A 386 -4.23 0.10 -14.26
C TRP A 386 -4.40 -0.50 -12.86
N LEU A 387 -4.57 0.37 -11.87
CA LEU A 387 -4.93 0.02 -10.51
C LEU A 387 -6.30 0.63 -10.24
N ILE A 388 -7.28 -0.22 -9.96
CA ILE A 388 -8.69 0.17 -9.86
C ILE A 388 -9.15 0.01 -8.41
N ARG A 389 -9.60 1.11 -7.81
CA ARG A 389 -10.02 1.13 -6.41
C ARG A 389 -11.47 1.57 -6.29
N TRP A 390 -12.28 0.77 -5.59
CA TRP A 390 -13.70 1.06 -5.36
C TRP A 390 -13.95 0.85 -3.87
N GLU A 391 -14.43 1.91 -3.20
CA GLU A 391 -14.46 1.96 -1.75
C GLU A 391 -15.73 2.62 -1.26
N GLY A 392 -16.28 2.08 -0.18
CA GLY A 392 -17.38 2.68 0.54
C GLY A 392 -16.92 3.13 1.91
N ARG A 393 -17.34 4.34 2.30
CA ARG A 393 -16.94 4.94 3.56
C ARG A 393 -18.19 5.26 4.36
N LEU A 394 -18.13 5.00 5.66
CA LEU A 394 -19.25 5.31 6.53
C LEU A 394 -19.53 6.81 6.50
N ALA A 395 -20.81 7.17 6.48
CA ALA A 395 -21.18 8.57 6.36
C ALA A 395 -20.82 9.32 7.64
N ASN A 396 -20.57 10.63 7.50
CA ASN A 396 -20.25 11.43 8.68
C ASN A 396 -21.39 11.36 9.68
N GLY A 397 -21.04 11.27 10.95
CA GLY A 397 -22.02 11.27 12.01
C GLY A 397 -22.54 9.90 12.38
N LEU A 398 -22.15 8.86 11.65
CA LEU A 398 -22.49 7.49 12.02
C LEU A 398 -21.27 6.81 12.61
N THR A 399 -21.52 5.80 13.44
CA THR A 399 -20.47 5.04 14.08
C THR A 399 -20.57 3.54 13.85
N GLN A 400 -21.68 3.05 13.30
CA GLN A 400 -21.88 1.62 13.07
C GLN A 400 -21.77 1.36 11.57
N TRP A 401 -20.78 0.56 11.17
CA TRP A 401 -20.73 0.08 9.79
C TRP A 401 -21.98 -0.75 9.50
N PRO A 402 -22.71 -0.45 8.42
CA PRO A 402 -23.97 -1.17 8.18
C PRO A 402 -23.76 -2.64 7.82
N ALA A 403 -24.68 -3.48 8.31
CA ALA A 403 -24.58 -4.92 8.11
C ALA A 403 -24.60 -5.29 6.63
N ASP A 404 -25.25 -4.49 5.79
CA ASP A 404 -25.28 -4.76 4.36
C ASP A 404 -24.26 -3.94 3.56
N GLY A 405 -23.30 -3.28 4.24
CA GLY A 405 -22.41 -2.40 3.51
C GLY A 405 -21.48 -3.14 2.58
N ILE A 406 -20.91 -4.24 3.04
CA ILE A 406 -20.02 -5.03 2.21
C ILE A 406 -20.77 -5.56 1.00
N GLU A 407 -21.97 -6.11 1.21
CA GLU A 407 -22.72 -6.66 0.08
C GLU A 407 -23.09 -5.58 -0.94
N TYR A 408 -23.43 -4.37 -0.48
CA TYR A 408 -23.78 -3.29 -1.40
C TYR A 408 -22.57 -2.89 -2.25
N MET A 409 -21.41 -2.73 -1.63
CA MET A 409 -20.17 -2.40 -2.35
C MET A 409 -19.73 -3.48 -3.31
N GLN A 410 -19.83 -4.75 -2.89
CA GLN A 410 -19.45 -5.84 -3.77
C GLN A 410 -20.38 -5.96 -4.97
N ALA A 411 -21.67 -5.76 -4.76
CA ALA A 411 -22.62 -5.93 -5.86
C ALA A 411 -22.36 -4.94 -6.98
N GLY A 412 -22.02 -3.69 -6.65
CA GLY A 412 -21.80 -2.71 -7.70
C GLY A 412 -20.57 -2.98 -8.53
N PHE A 413 -19.56 -3.65 -7.95
CA PHE A 413 -18.29 -3.95 -8.60
C PHE A 413 -18.36 -5.28 -9.33
N ARG A 414 -19.45 -6.03 -9.16
CA ARG A 414 -19.55 -7.38 -9.72
C ARG A 414 -19.72 -7.38 -11.24
N PRO A 415 -20.53 -6.50 -11.84
CA PRO A 415 -20.63 -6.55 -13.31
C PRO A 415 -19.29 -6.39 -14.02
N PHE A 416 -18.42 -5.54 -13.48
CA PHE A 416 -17.06 -5.42 -14.02
C PHE A 416 -16.35 -6.76 -13.98
N LYS A 417 -16.37 -7.41 -12.81
N LYS A 417 -16.37 -7.43 -12.82
CA LYS A 417 -15.79 -8.74 -12.65
CA LYS A 417 -15.73 -8.74 -12.71
C LYS A 417 -16.30 -9.71 -13.71
C LYS A 417 -16.29 -9.71 -13.75
N GLU A 418 -17.62 -9.73 -13.91
CA GLU A 418 -18.20 -10.69 -14.85
C GLU A 418 -17.75 -10.39 -16.27
N GLN A 419 -17.60 -9.12 -16.63
CA GLN A 419 -17.13 -8.79 -17.97
C GLN A 419 -15.66 -9.20 -18.15
N LEU A 420 -14.82 -9.00 -17.13
CA LEU A 420 -13.46 -9.52 -17.21
C LEU A 420 -13.48 -11.04 -17.42
N LYS A 421 -14.33 -11.75 -16.68
CA LYS A 421 -14.40 -13.19 -16.84
C LYS A 421 -14.85 -13.56 -18.24
N LYS A 422 -15.84 -12.82 -18.76
CA LYS A 422 -16.33 -13.07 -20.11
C LYS A 422 -15.21 -12.90 -21.14
N GLU A 423 -14.32 -11.93 -20.92
CA GLU A 423 -13.21 -11.65 -21.82
C GLU A 423 -12.01 -12.54 -21.57
N GLY A 424 -12.08 -13.43 -20.60
CA GLY A 424 -10.93 -14.28 -20.29
C GLY A 424 -9.78 -13.53 -19.65
N ILE A 425 -10.07 -12.53 -18.84
CA ILE A 425 -9.07 -11.73 -18.14
C ILE A 425 -8.98 -12.23 -16.70
N PRO A 426 -7.80 -12.63 -16.22
CA PRO A 426 -7.65 -13.06 -14.83
C PRO A 426 -8.00 -11.94 -13.86
N LEU A 427 -8.60 -12.31 -12.75
CA LEU A 427 -8.81 -11.37 -11.66
C LEU A 427 -7.53 -11.27 -10.85
N ARG A 428 -7.04 -10.04 -10.70
CA ARG A 428 -5.74 -9.80 -10.09
C ARG A 428 -5.87 -8.60 -9.16
N GLY A 429 -5.12 -8.65 -8.06
CA GLY A 429 -5.15 -7.58 -7.08
C GLY A 429 -3.80 -6.96 -6.80
N PHE A 430 -3.77 -6.08 -5.79
CA PHE A 430 -2.62 -5.26 -5.44
C PHE A 430 -2.50 -5.34 -3.92
N VAL A 431 -1.39 -5.88 -3.41
CA VAL A 431 -1.31 -6.32 -2.01
C VAL A 431 -1.74 -5.22 -1.04
N ASN A 432 -1.22 -3.99 -1.17
CA ASN A 432 -1.52 -3.00 -0.14
C ASN A 432 -3.01 -2.68 -0.09
N TYR A 433 -3.71 -2.79 -1.22
CA TYR A 433 -5.15 -2.60 -1.29
C TYR A 433 -5.84 -3.93 -0.93
N ARG A 434 -5.76 -4.25 0.36
CA ARG A 434 -6.29 -5.51 0.87
C ARG A 434 -7.80 -5.48 0.81
N ASP A 435 -8.39 -6.54 0.24
CA ASP A 435 -9.83 -6.74 0.25
C ASP A 435 -10.08 -7.79 1.33
N THR A 436 -10.53 -7.33 2.48
CA THR A 436 -10.61 -8.18 3.66
C THR A 436 -11.66 -9.26 3.56
N GLU A 437 -12.56 -9.18 2.59
CA GLU A 437 -13.65 -10.13 2.47
C GLU A 437 -13.32 -11.32 1.56
N LEU A 438 -12.16 -11.33 0.92
CA LEU A 438 -11.83 -12.39 0.00
C LEU A 438 -11.49 -13.68 0.74
N SER A 439 -11.86 -14.81 0.14
CA SER A 439 -11.44 -16.11 0.64
C SER A 439 -9.96 -16.34 0.31
N LEU A 440 -9.37 -17.33 0.98
CA LEU A 440 -7.98 -17.67 0.68
C LEU A 440 -7.80 -18.01 -0.79
N GLU A 441 -8.73 -18.77 -1.36
CA GLU A 441 -8.66 -19.14 -2.78
C GLU A 441 -8.58 -17.89 -3.66
N GLU A 442 -9.27 -16.83 -3.27
CA GLU A 442 -9.31 -15.58 -4.03
C GLU A 442 -8.05 -14.73 -3.78
N TRP A 443 -7.77 -14.35 -2.54
CA TRP A 443 -6.65 -13.42 -2.33
C TRP A 443 -5.32 -14.03 -2.72
N SER A 444 -5.13 -15.33 -2.51
CA SER A 444 -3.82 -15.90 -2.75
C SER A 444 -3.43 -15.77 -4.21
N VAL A 445 -4.33 -16.17 -5.12
N VAL A 445 -4.33 -16.16 -5.12
CA VAL A 445 -4.00 -16.10 -6.55
CA VAL A 445 -4.03 -16.08 -6.55
C VAL A 445 -4.09 -14.67 -7.07
C VAL A 445 -4.05 -14.64 -7.04
N ARG A 446 -5.00 -13.84 -6.54
CA ARG A 446 -5.10 -12.48 -7.02
C ARG A 446 -3.85 -11.68 -6.68
N LEU A 447 -3.25 -11.93 -5.53
CA LEU A 447 -2.10 -11.15 -5.10
C LEU A 447 -0.78 -11.72 -5.57
N TYR A 448 -0.66 -13.06 -5.63
CA TYR A 448 0.61 -13.73 -5.78
C TYR A 448 0.67 -14.64 -6.99
N GLY A 449 -0.43 -14.75 -7.75
CA GLY A 449 -0.43 -15.63 -8.92
C GLY A 449 0.05 -17.01 -8.55
N ASP A 450 0.93 -17.56 -9.39
CA ASP A 450 1.44 -18.90 -9.15
C ASP A 450 2.66 -18.95 -8.26
N ASN A 451 2.95 -17.87 -7.55
CA ASN A 451 4.04 -17.89 -6.57
C ASN A 451 3.62 -18.46 -5.22
N PHE A 452 2.34 -18.75 -5.04
CA PHE A 452 1.82 -19.03 -3.70
C PHE A 452 2.42 -20.31 -3.11
N GLU A 453 2.54 -21.38 -3.91
CA GLU A 453 3.14 -22.59 -3.37
C GLU A 453 4.57 -22.37 -2.90
N LYS A 454 5.37 -21.64 -3.67
CA LYS A 454 6.72 -21.27 -3.24
C LYS A 454 6.68 -20.49 -1.93
N MET A 455 5.74 -19.55 -1.81
CA MET A 455 5.63 -18.79 -0.58
C MET A 455 5.33 -19.66 0.62
N LYS A 456 4.44 -20.63 0.44
CA LYS A 456 4.11 -21.55 1.54
C LYS A 456 5.31 -22.41 1.92
N ARG A 457 6.10 -22.85 0.94
CA ARG A 457 7.32 -23.61 1.24
C ARG A 457 8.29 -22.76 2.06
N ILE A 458 8.49 -21.51 1.64
CA ILE A 458 9.39 -20.62 2.37
C ILE A 458 8.86 -20.37 3.79
N LYS A 459 7.53 -20.29 3.95
CA LYS A 459 6.93 -20.15 5.26
C LYS A 459 7.28 -21.34 6.15
N SER A 460 7.18 -22.54 5.61
CA SER A 460 7.52 -23.74 6.38
C SER A 460 9.00 -23.73 6.78
N GLN A 461 9.86 -23.15 5.94
CA GLN A 461 11.30 -23.14 6.18
C GLN A 461 11.70 -22.03 7.14
N LEU A 462 11.11 -20.84 7.01
CA LEU A 462 11.56 -19.69 7.78
C LEU A 462 10.74 -19.43 9.05
N ASP A 463 9.52 -19.93 9.13
CA ASP A 463 8.68 -19.76 10.33
C ASP A 463 7.88 -21.05 10.53
N PRO A 464 8.57 -22.17 10.78
CA PRO A 464 7.89 -23.47 10.91
C PRO A 464 6.87 -23.53 12.04
N GLN A 465 7.08 -22.79 13.12
CA GLN A 465 6.16 -22.79 14.26
C GLN A 465 5.02 -21.79 14.08
N GLY A 466 5.04 -20.99 13.02
CA GLY A 466 3.94 -20.09 12.75
C GLY A 466 3.84 -18.90 13.67
N VAL A 467 4.97 -18.40 14.17
CA VAL A 467 4.94 -17.28 15.10
C VAL A 467 4.32 -16.04 14.46
N PHE A 468 4.57 -15.85 13.16
CA PHE A 468 4.09 -14.66 12.45
C PHE A 468 2.79 -14.89 11.69
N THR A 469 2.08 -15.98 11.97
CA THR A 469 0.77 -16.24 11.37
C THR A 469 -0.26 -15.51 12.22
N THR A 470 -0.71 -14.37 11.71
CA THR A 470 -1.54 -13.43 12.46
C THR A 470 -2.84 -13.16 11.70
N HIS A 471 -2.83 -12.20 10.78
CA HIS A 471 -4.04 -11.73 10.12
C HIS A 471 -4.54 -12.75 9.09
N ALA A 472 -5.77 -12.51 8.64
CA ALA A 472 -6.45 -13.48 7.79
C ALA A 472 -5.78 -13.72 6.45
N GLN A 473 -4.97 -12.80 5.95
CA GLN A 473 -4.24 -13.03 4.69
C GLN A 473 -2.80 -13.44 4.94
N SER A 474 -2.51 -13.99 6.11
CA SER A 474 -1.18 -14.49 6.39
C SER A 474 -0.89 -15.70 5.52
N ILE A 475 0.39 -15.90 5.17
CA ILE A 475 0.75 -17.01 4.30
C ILE A 475 0.79 -18.30 5.10
N PRO A 476 0.02 -19.32 4.74
CA PRO A 476 0.08 -20.58 5.49
C PRO A 476 1.35 -21.35 5.17
N SER A 477 1.67 -22.28 6.05
CA SER A 477 2.75 -23.21 5.75
C SER A 477 2.29 -24.21 4.70
N SER A 478 3.26 -24.83 4.03
CA SER A 478 2.97 -25.84 3.01
C SER A 478 2.52 -27.14 3.67
#